data_3CO7
#
_entry.id   3CO7
#
_cell.length_a   99.641
_cell.length_b   99.641
_cell.length_c   98.468
_cell.angle_alpha   90.000
_cell.angle_beta   90.000
_cell.angle_gamma   120.000
#
_symmetry.space_group_name_H-M   'P 32'
#
loop_
_entity.id
_entity.type
_entity.pdbx_description
1 polymer "DNA (5'-D(*DTP*DCP*DTP*DTP*DGP*DTP*DTP*DTP*DAP*DCP*DAP*DTP*DTP*DTP*DTP*DG)-3')"
2 polymer "DNA (5'-D(*DCP*DAP*DAP*DAP*DAP*DTP*DGP*DTP*DAP*DAP*DAP*DCP*DAP*DAP*DGP*DA)-3')"
3 polymer 'Forkhead box protein O1'
4 water water
#
loop_
_entity_poly.entity_id
_entity_poly.type
_entity_poly.pdbx_seq_one_letter_code
_entity_poly.pdbx_strand_id
1 'polydeoxyribonucleotide' (DT)(DC)(DT)(DT)(DG)(DT)(DT)(DT)(DA)(DC)(DA)(DT)(DT)(DT)(DT)(DG) A,D
2 'polydeoxyribonucleotide' (DC)(DA)(DA)(DA)(DA)(DT)(DG)(DT)(DA)(DA)(DA)(DC)(DA)(DA)(DG)(DA) B,E
3 'polypeptide(L)'
;SKSSSSRRNAWGNLSYADLITKAIESSAEKRLTLSQIYEWMVKSVPYFKDKGDSNSSAGWKNSIRHNLSLHSKFIRVQNE
GTGKSSWWMLNPEGGKSGKSPRRRAASMDNNSKFAKS
;
C,F
#
# COMPACT_ATOMS: atom_id res chain seq x y z
N SER E 6 -18.27 -8.44 11.67
CA SER E 6 -17.12 -8.43 12.62
C SER E 6 -16.45 -7.06 12.67
N ARG E 7 -16.91 -6.23 13.61
CA ARG E 7 -16.40 -4.88 13.83
C ARG E 7 -14.88 -4.82 14.03
N ARG E 8 -14.33 -3.63 13.89
CA ARG E 8 -12.90 -3.43 14.07
C ARG E 8 -12.71 -2.98 15.52
N ASN E 9 -13.77 -2.38 16.07
CA ASN E 9 -13.77 -1.91 17.44
C ASN E 9 -15.15 -2.15 18.03
N ALA E 10 -15.22 -2.15 19.36
CA ALA E 10 -16.48 -2.37 20.02
C ALA E 10 -17.51 -1.41 19.44
N TRP E 11 -17.06 -0.28 18.93
CA TRP E 11 -17.97 0.69 18.38
C TRP E 11 -18.09 0.66 16.87
N GLY E 12 -17.47 -0.32 16.21
CA GLY E 12 -17.55 -0.40 14.76
C GLY E 12 -16.21 -0.19 14.08
N ASN E 13 -16.22 0.10 12.78
CA ASN E 13 -14.97 0.28 12.04
C ASN E 13 -14.31 1.66 12.00
N LEU E 14 -15.02 2.71 12.42
CA LEU E 14 -14.43 4.04 12.43
C LEU E 14 -13.29 4.05 13.42
N SER E 15 -12.33 4.93 13.18
CA SER E 15 -11.15 5.06 14.03
C SER E 15 -11.30 6.23 15.03
N TYR E 16 -10.49 6.26 16.09
CA TYR E 16 -10.61 7.36 17.02
C TYR E 16 -10.50 8.69 16.28
N ALA E 17 -9.45 8.84 15.48
CA ALA E 17 -9.27 10.09 14.74
C ALA E 17 -10.46 10.44 13.84
N ASP E 18 -11.17 9.42 13.36
CA ASP E 18 -12.32 9.65 12.50
C ASP E 18 -13.54 10.04 13.32
N LEU E 19 -13.67 9.40 14.48
CA LEU E 19 -14.76 9.74 15.39
C LEU E 19 -14.59 11.24 15.75
N ILE E 20 -13.39 11.61 16.21
CA ILE E 20 -13.06 12.99 16.57
C ILE E 20 -13.49 13.97 15.47
N THR E 21 -13.11 13.64 14.24
CA THR E 21 -13.44 14.45 13.07
C THR E 21 -14.93 14.71 13.09
N LYS E 22 -15.72 13.65 13.07
CA LYS E 22 -17.18 13.77 13.08
C LYS E 22 -17.65 14.71 14.20
N ALA E 23 -17.00 14.62 15.36
CA ALA E 23 -17.34 15.47 16.49
C ALA E 23 -17.08 16.92 16.11
N ILE E 24 -15.81 17.27 15.99
CA ILE E 24 -15.47 18.65 15.63
C ILE E 24 -16.36 19.15 14.49
N GLU E 25 -16.53 18.31 13.47
CA GLU E 25 -17.31 18.67 12.28
C GLU E 25 -18.82 18.64 12.46
N SER E 26 -19.26 18.57 13.70
CA SER E 26 -20.70 18.56 14.04
C SER E 26 -20.91 19.71 15.02
N SER E 27 -20.05 20.72 14.92
CA SER E 27 -20.09 21.88 15.79
C SER E 27 -20.30 23.12 14.94
N ALA E 28 -21.02 24.08 15.51
CA ALA E 28 -21.31 25.34 14.84
C ALA E 28 -20.03 26.03 14.35
N GLU E 29 -19.22 26.53 15.28
CA GLU E 29 -17.99 27.22 14.92
C GLU E 29 -16.99 26.20 14.38
N LYS E 30 -17.41 24.94 14.30
CA LYS E 30 -16.58 23.83 13.83
C LYS E 30 -15.30 23.71 14.64
N ARG E 31 -15.44 23.77 15.95
CA ARG E 31 -14.29 23.68 16.84
C ARG E 31 -14.75 23.26 18.24
N LEU E 32 -14.00 22.37 18.89
CA LEU E 32 -14.33 21.88 20.23
C LEU E 32 -13.13 21.92 21.17
N THR E 33 -13.39 21.91 22.48
CA THR E 33 -12.31 21.90 23.47
C THR E 33 -12.22 20.41 23.82
N LEU E 34 -11.12 19.99 24.44
CA LEU E 34 -10.97 18.56 24.78
C LEU E 34 -12.16 17.94 25.51
N SER E 35 -12.64 18.63 26.54
CA SER E 35 -13.79 18.18 27.34
C SER E 35 -15.06 17.93 26.52
N GLN E 36 -15.34 18.81 25.57
CA GLN E 36 -16.53 18.63 24.77
C GLN E 36 -16.41 17.39 23.91
N ILE E 37 -15.25 17.18 23.28
CA ILE E 37 -15.05 16.00 22.45
C ILE E 37 -15.43 14.73 23.20
N TYR E 38 -15.04 14.65 24.46
CA TYR E 38 -15.41 13.48 25.25
C TYR E 38 -16.93 13.43 25.25
N GLU E 39 -17.56 14.43 25.82
CA GLU E 39 -19.01 14.50 25.89
C GLU E 39 -19.68 14.15 24.56
N TRP E 40 -19.05 14.50 23.45
CA TRP E 40 -19.66 14.19 22.16
C TRP E 40 -19.75 12.69 21.97
N MET E 41 -18.63 12.01 22.26
CA MET E 41 -18.52 10.56 22.16
C MET E 41 -19.65 9.90 22.97
N VAL E 42 -19.73 10.26 24.24
CA VAL E 42 -20.74 9.73 25.15
C VAL E 42 -22.17 9.90 24.60
N LYS E 43 -22.46 11.09 24.08
CA LYS E 43 -23.79 11.39 23.55
C LYS E 43 -24.02 11.00 22.11
N SER E 44 -22.97 10.72 21.35
CA SER E 44 -23.13 10.38 19.93
C SER E 44 -22.82 8.94 19.58
N VAL E 45 -21.92 8.33 20.35
CA VAL E 45 -21.50 6.94 20.16
C VAL E 45 -22.05 6.00 21.25
N PRO E 46 -22.87 5.01 20.84
CA PRO E 46 -23.48 4.05 21.76
C PRO E 46 -22.48 3.28 22.65
N TYR E 47 -21.39 2.79 22.08
CA TYR E 47 -20.43 2.07 22.88
C TYR E 47 -19.91 2.88 24.06
N PHE E 48 -20.07 4.20 24.01
CA PHE E 48 -19.58 5.06 25.09
C PHE E 48 -20.69 5.68 25.95
N LYS E 49 -21.95 5.63 25.49
CA LYS E 49 -23.07 6.19 26.25
C LYS E 49 -22.97 5.87 27.74
N ASP E 50 -22.32 4.76 28.07
CA ASP E 50 -22.16 4.34 29.47
C ASP E 50 -20.69 4.30 29.94
N LYS E 51 -19.92 5.34 29.64
CA LYS E 51 -18.51 5.36 30.05
C LYS E 51 -18.02 6.75 30.46
N GLY E 52 -18.95 7.66 30.70
CA GLY E 52 -18.59 9.01 31.10
C GLY E 52 -17.76 9.05 32.37
N ASP E 53 -18.15 8.26 33.36
CA ASP E 53 -17.44 8.19 34.63
C ASP E 53 -15.97 7.99 34.33
N SER E 54 -15.14 9.02 34.53
CA SER E 54 -13.71 8.90 34.27
C SER E 54 -13.20 7.76 35.16
N ASN E 55 -14.11 7.18 35.94
CA ASN E 55 -13.82 6.07 36.82
C ASN E 55 -13.61 4.81 35.96
N SER E 56 -14.23 4.83 34.77
CA SER E 56 -14.16 3.73 33.80
C SER E 56 -13.81 4.24 32.41
N SER E 57 -13.31 5.48 32.35
CA SER E 57 -12.96 6.13 31.07
C SER E 57 -11.54 6.74 30.97
N ALA E 58 -10.51 5.94 31.18
CA ALA E 58 -9.16 6.43 31.06
C ALA E 58 -8.56 5.94 29.73
N GLY E 59 -8.97 4.76 29.29
CA GLY E 59 -8.47 4.21 28.05
C GLY E 59 -8.81 5.02 26.80
N TRP E 60 -10.09 5.18 26.49
CA TRP E 60 -10.50 5.91 25.30
C TRP E 60 -10.22 7.41 25.37
N LYS E 61 -10.02 7.95 26.57
CA LYS E 61 -9.74 9.37 26.70
C LYS E 61 -8.29 9.57 26.36
N ASN E 62 -7.46 8.67 26.87
CA ASN E 62 -6.04 8.75 26.62
C ASN E 62 -5.86 8.62 25.11
N SER E 63 -6.48 7.59 24.52
CA SER E 63 -6.39 7.36 23.08
C SER E 63 -6.80 8.61 22.32
N ILE E 64 -7.96 9.16 22.65
CA ILE E 64 -8.44 10.37 22.02
C ILE E 64 -7.40 11.50 22.16
N ARG E 65 -6.75 11.63 23.32
CA ARG E 65 -5.75 12.68 23.51
C ARG E 65 -4.51 12.44 22.63
N HIS E 66 -4.18 11.17 22.47
CA HIS E 66 -3.04 10.72 21.65
C HIS E 66 -3.36 11.08 20.18
N ASN E 67 -4.51 10.63 19.70
CA ASN E 67 -4.92 10.93 18.33
C ASN E 67 -4.88 12.43 18.09
N LEU E 68 -5.52 13.21 18.95
CA LEU E 68 -5.50 14.65 18.77
C LEU E 68 -4.05 15.06 18.60
N SER E 69 -3.34 15.12 19.70
CA SER E 69 -1.94 15.53 19.74
C SER E 69 -0.99 14.92 18.69
N LEU E 70 -1.41 13.86 18.01
CA LEU E 70 -0.51 13.25 17.04
C LEU E 70 -0.69 13.61 15.56
N HIS E 71 -1.82 13.20 14.97
CA HIS E 71 -2.11 13.46 13.56
C HIS E 71 -2.31 14.94 13.22
N SER E 72 -1.51 15.44 12.28
CA SER E 72 -1.60 16.84 11.87
C SER E 72 -2.96 17.14 11.24
N LYS E 73 -3.84 16.16 11.29
CA LYS E 73 -5.17 16.32 10.73
C LYS E 73 -5.90 17.34 11.60
N PHE E 74 -5.51 17.41 12.87
CA PHE E 74 -6.13 18.31 13.85
C PHE E 74 -5.13 19.37 14.31
N ILE E 75 -5.61 20.60 14.50
CA ILE E 75 -4.75 21.70 14.95
C ILE E 75 -5.30 22.33 16.22
N ARG E 76 -4.40 22.75 17.08
CA ARG E 76 -4.75 23.37 18.36
C ARG E 76 -4.87 24.89 18.22
N VAL E 77 -6.06 25.42 18.48
CA VAL E 77 -6.28 26.86 18.33
C VAL E 77 -6.61 27.58 19.65
N GLN E 78 -5.89 28.64 19.95
CA GLN E 78 -6.12 29.37 21.20
C GLN E 78 -7.58 29.81 21.38
N ASN E 79 -8.14 29.47 22.54
CA ASN E 79 -9.51 29.82 22.89
C ASN E 79 -9.41 30.90 23.96
N GLU E 80 -9.94 32.10 23.66
CA GLU E 80 -9.88 33.21 24.61
C GLU E 80 -10.79 33.03 25.81
N GLY E 81 -10.21 33.20 26.98
CA GLY E 81 -10.94 33.06 28.20
C GLY E 81 -10.01 32.61 29.31
N THR E 82 -10.44 32.81 30.55
CA THR E 82 -9.63 32.40 31.68
C THR E 82 -10.09 30.99 32.05
N GLY E 83 -9.14 30.16 32.47
CA GLY E 83 -9.47 28.80 32.87
C GLY E 83 -10.15 27.98 31.78
N LYS E 84 -9.95 28.36 30.53
CA LYS E 84 -10.54 27.62 29.42
C LYS E 84 -9.49 26.76 28.76
N SER E 85 -9.90 25.58 28.29
CA SER E 85 -9.00 24.66 27.59
C SER E 85 -8.74 25.19 26.17
N SER E 86 -8.09 24.38 25.35
CA SER E 86 -7.73 24.74 23.99
C SER E 86 -8.77 24.32 22.97
N TRP E 87 -8.96 25.13 21.94
CA TRP E 87 -9.88 24.78 20.88
C TRP E 87 -9.14 23.71 20.11
N TRP E 88 -9.89 22.89 19.40
CA TRP E 88 -9.33 21.82 18.60
C TRP E 88 -10.12 21.86 17.29
N MET E 89 -9.42 22.15 16.20
CA MET E 89 -10.10 22.25 14.93
C MET E 89 -9.48 21.38 13.87
N LEU E 90 -10.24 21.13 12.81
CA LEU E 90 -9.71 20.34 11.73
C LEU E 90 -8.72 21.25 11.05
N ASN E 91 -7.59 20.67 10.67
CA ASN E 91 -6.53 21.38 9.98
C ASN E 91 -6.93 21.50 8.51
N PRO E 92 -6.92 22.70 7.92
CA PRO E 92 -7.30 22.80 6.51
C PRO E 92 -6.20 22.34 5.53
N SER F 6 19.41 -5.18 -42.79
CA SER F 6 18.20 -4.54 -42.20
C SER F 6 17.50 -5.46 -41.19
N ARG F 7 17.89 -5.31 -39.92
CA ARG F 7 17.33 -6.09 -38.82
C ARG F 7 15.81 -6.02 -38.74
N ARG F 8 15.24 -6.94 -37.97
CA ARG F 8 13.79 -7.00 -37.80
C ARG F 8 13.50 -6.24 -36.51
N ASN F 9 14.51 -6.22 -35.64
CA ASN F 9 14.41 -5.53 -34.35
C ASN F 9 15.74 -4.89 -34.06
N ALA F 10 15.72 -3.92 -33.14
CA ALA F 10 16.95 -3.24 -32.78
C ALA F 10 17.99 -4.29 -32.40
N TRP F 11 17.54 -5.44 -31.94
CA TRP F 11 18.47 -6.47 -31.55
C TRP F 11 18.69 -7.57 -32.57
N GLY F 12 18.12 -7.41 -33.77
CA GLY F 12 18.30 -8.42 -34.81
C GLY F 12 16.99 -9.08 -35.19
N ASN F 13 17.06 -10.22 -35.87
CA ASN F 13 15.85 -10.91 -36.32
C ASN F 13 15.16 -11.90 -35.38
N LEU F 14 15.82 -12.28 -34.28
CA LEU F 14 15.22 -13.20 -33.33
C LEU F 14 14.00 -12.53 -32.71
N SER F 15 13.03 -13.33 -32.31
CA SER F 15 11.81 -12.82 -31.70
C SER F 15 11.86 -12.89 -30.16
N TYR F 16 10.99 -12.15 -29.47
CA TYR F 16 11.03 -12.20 -28.01
C TYR F 16 10.93 -13.65 -27.57
N ALA F 17 9.91 -14.35 -28.03
CA ALA F 17 9.75 -15.76 -27.64
C ALA F 17 10.98 -16.60 -27.92
N ASP F 18 11.74 -16.25 -28.96
CA ASP F 18 12.93 -17.03 -29.30
C ASP F 18 14.09 -16.65 -28.39
N LEU F 19 14.17 -15.37 -28.05
CA LEU F 19 15.19 -14.89 -27.12
C LEU F 19 14.96 -15.64 -25.78
N ILE F 20 13.73 -15.59 -25.28
CA ILE F 20 13.35 -16.26 -24.04
C ILE F 20 13.82 -17.72 -24.04
N THR F 21 13.52 -18.43 -25.14
CA THR F 21 13.91 -19.82 -25.30
C THR F 21 15.39 -19.93 -25.00
N LYS F 22 16.20 -19.21 -25.76
CA LYS F 22 17.65 -19.26 -25.57
C LYS F 22 18.02 -19.05 -24.09
N ALA F 23 17.32 -18.14 -23.42
CA ALA F 23 17.55 -17.88 -22.01
C ALA F 23 17.27 -19.15 -21.22
N ILE F 24 16.00 -19.52 -21.12
CA ILE F 24 15.64 -20.72 -20.38
C ILE F 24 16.59 -21.87 -20.73
N GLU F 25 16.85 -22.05 -22.00
CA GLU F 25 17.68 -23.14 -22.50
C GLU F 25 19.19 -22.96 -22.30
N SER F 26 19.55 -21.98 -21.46
CA SER F 26 20.96 -21.70 -21.15
C SER F 26 21.06 -21.73 -19.64
N SER F 27 20.20 -22.52 -19.03
CA SER F 27 20.15 -22.67 -17.59
C SER F 27 20.37 -24.13 -17.23
N ALA F 28 21.02 -24.35 -16.09
CA ALA F 28 21.33 -25.67 -15.62
C ALA F 28 20.07 -26.54 -15.50
N GLU F 29 19.20 -26.21 -14.55
CA GLU F 29 17.96 -26.98 -14.38
C GLU F 29 17.03 -26.71 -15.56
N LYS F 30 17.49 -25.91 -16.51
CA LYS F 30 16.72 -25.54 -17.71
C LYS F 30 15.40 -24.89 -17.33
N ARG F 31 15.44 -23.97 -16.38
CA ARG F 31 14.24 -23.28 -15.92
C ARG F 31 14.63 -21.95 -15.25
N LEU F 32 13.85 -20.89 -15.51
CA LEU F 32 14.13 -19.56 -14.94
C LEU F 32 12.88 -18.92 -14.36
N THR F 33 13.07 -17.96 -13.45
CA THR F 33 11.94 -17.25 -12.87
C THR F 33 11.85 -15.98 -13.73
N LEU F 34 10.73 -15.27 -13.68
CA LEU F 34 10.59 -14.06 -14.52
C LEU F 34 11.76 -13.08 -14.41
N SER F 35 12.16 -12.78 -13.18
CA SER F 35 13.25 -11.86 -12.89
C SER F 35 14.58 -12.25 -13.54
N GLN F 36 14.89 -13.53 -13.53
CA GLN F 36 16.13 -13.97 -14.13
C GLN F 36 16.09 -13.75 -15.63
N ILE F 37 15.00 -14.12 -16.27
CA ILE F 37 14.89 -13.93 -17.73
C ILE F 37 15.26 -12.50 -18.11
N TYR F 38 14.76 -11.53 -17.37
CA TYR F 38 15.12 -10.15 -17.66
C TYR F 38 16.63 -10.09 -17.62
N GLU F 39 17.20 -10.31 -16.44
CA GLU F 39 18.63 -10.28 -16.26
C GLU F 39 19.40 -10.99 -17.36
N TRP F 40 18.83 -12.06 -17.91
CA TRP F 40 19.54 -12.79 -18.96
C TRP F 40 19.68 -11.89 -20.19
N MET F 41 18.57 -11.27 -20.58
CA MET F 41 18.51 -10.37 -21.72
C MET F 41 19.60 -9.29 -21.57
N VAL F 42 19.58 -8.59 -20.44
CA VAL F 42 20.56 -7.54 -20.16
C VAL F 42 22.00 -8.02 -20.31
N LYS F 43 22.29 -9.19 -19.78
CA LYS F 43 23.64 -9.75 -19.82
C LYS F 43 23.98 -10.52 -21.09
N SER F 44 22.98 -10.93 -21.85
CA SER F 44 23.23 -11.74 -23.05
C SER F 44 22.98 -11.03 -24.39
N VAL F 45 22.06 -10.07 -24.36
CA VAL F 45 21.70 -9.30 -25.54
C VAL F 45 22.19 -7.84 -25.47
N PRO F 46 23.09 -7.45 -26.39
CA PRO F 46 23.65 -6.11 -26.44
C PRO F 46 22.62 -4.97 -26.46
N TYR F 47 21.59 -5.10 -27.29
CA TYR F 47 20.60 -4.04 -27.34
C TYR F 47 19.98 -3.73 -25.98
N PHE F 48 20.12 -4.66 -25.04
CA PHE F 48 19.54 -4.46 -23.71
C PHE F 48 20.58 -4.22 -22.61
N LYS F 49 21.85 -4.48 -22.88
CA LYS F 49 22.91 -4.27 -21.88
C LYS F 49 22.71 -2.96 -21.11
N ASP F 50 22.08 -1.98 -21.76
CA ASP F 50 21.84 -0.67 -21.14
C ASP F 50 20.35 -0.34 -20.92
N LYS F 51 19.57 -1.29 -20.43
CA LYS F 51 18.14 -1.03 -20.21
C LYS F 51 17.58 -1.69 -18.95
N GLY F 52 18.47 -2.10 -18.05
CA GLY F 52 18.05 -2.73 -16.81
C GLY F 52 17.14 -1.86 -15.96
N ASP F 53 17.50 -0.58 -15.86
CA ASP F 53 16.72 0.39 -15.09
C ASP F 53 15.27 0.26 -15.52
N SER F 54 14.41 -0.32 -14.69
CA SER F 54 13.00 -0.45 -15.04
C SER F 54 12.47 0.95 -15.31
N ASN F 55 13.34 1.94 -15.15
CA ASN F 55 13.02 3.34 -15.39
C ASN F 55 12.90 3.55 -16.91
N SER F 56 13.57 2.68 -17.66
CA SER F 56 13.61 2.70 -19.12
C SER F 56 13.35 1.31 -19.71
N SER F 57 12.80 0.41 -18.89
CA SER F 57 12.53 -0.97 -19.31
C SER F 57 11.11 -1.50 -19.02
N ALA F 58 10.09 -0.81 -19.51
CA ALA F 58 8.73 -1.29 -19.32
C ALA F 58 8.23 -1.93 -20.62
N GLY F 59 8.70 -1.43 -21.77
CA GLY F 59 8.29 -1.98 -23.05
C GLY F 59 8.68 -3.44 -23.29
N TRP F 60 9.98 -3.74 -23.25
CA TRP F 60 10.42 -5.11 -23.50
C TRP F 60 10.09 -6.08 -22.38
N LYS F 61 9.82 -5.57 -21.19
CA LYS F 61 9.48 -6.45 -20.06
C LYS F 61 8.05 -6.87 -20.24
N ASN F 62 7.21 -5.91 -20.60
CA ASN F 62 5.81 -6.21 -20.80
C ASN F 62 5.75 -7.23 -21.92
N SER F 63 6.43 -6.93 -23.03
CA SER F 63 6.46 -7.84 -24.19
C SER F 63 6.87 -9.23 -23.75
N ILE F 64 8.00 -9.33 -23.05
CA ILE F 64 8.46 -10.61 -22.56
C ILE F 64 7.37 -11.28 -21.69
N ARG F 65 6.64 -10.52 -20.87
CA ARG F 65 5.60 -11.13 -20.04
C ARG F 65 4.45 -11.63 -20.88
N HIS F 66 4.17 -10.91 -21.97
CA HIS F 66 3.11 -11.25 -22.92
C HIS F 66 3.49 -12.57 -23.61
N ASN F 67 4.68 -12.60 -24.21
CA ASN F 67 5.15 -13.80 -24.88
C ASN F 67 5.09 -15.00 -23.94
N LEU F 68 5.66 -14.87 -22.75
CA LEU F 68 5.61 -15.97 -21.81
C LEU F 68 4.16 -16.42 -21.73
N SER F 69 3.38 -15.70 -20.94
CA SER F 69 1.96 -16.00 -20.72
C SER F 69 1.10 -16.38 -21.93
N LEU F 70 1.59 -16.12 -23.14
CA LEU F 70 0.79 -16.43 -24.31
C LEU F 70 1.04 -17.76 -25.04
N HIS F 71 2.23 -17.88 -25.66
CA HIS F 71 2.59 -19.08 -26.41
C HIS F 71 2.78 -20.34 -25.53
N SER F 72 2.02 -21.40 -25.84
CA SER F 72 2.10 -22.64 -25.08
C SER F 72 3.48 -23.27 -25.22
N LYS F 73 4.39 -22.54 -25.84
CA LYS F 73 5.74 -23.02 -26.02
C LYS F 73 6.39 -23.06 -24.64
N PHE F 74 5.92 -22.18 -23.76
CA PHE F 74 6.45 -22.06 -22.40
C PHE F 74 5.41 -22.45 -21.37
N ILE F 75 5.84 -23.15 -20.32
CA ILE F 75 4.93 -23.58 -19.26
C ILE F 75 5.37 -23.06 -17.90
N ARG F 76 4.39 -22.73 -17.06
CA ARG F 76 4.65 -22.20 -15.72
C ARG F 76 4.74 -23.33 -14.70
N VAL F 77 5.90 -23.47 -14.07
CA VAL F 77 6.08 -24.55 -13.09
C VAL F 77 6.31 -24.05 -11.66
N GLN F 78 5.56 -24.59 -10.70
CA GLN F 78 5.68 -24.16 -9.31
C GLN F 78 7.11 -24.28 -8.75
N ASN F 79 7.61 -23.17 -8.19
CA ASN F 79 8.93 -23.13 -7.60
C ASN F 79 8.74 -23.09 -6.09
N GLU F 80 9.27 -24.10 -5.40
CA GLU F 80 9.12 -24.16 -3.95
C GLU F 80 9.95 -23.12 -3.21
N GLY F 81 9.28 -22.40 -2.32
CA GLY F 81 9.95 -21.38 -1.55
C GLY F 81 8.96 -20.30 -1.20
N THR F 82 9.30 -19.50 -0.20
CA THR F 82 8.45 -18.41 0.22
C THR F 82 8.91 -17.18 -0.55
N GLY F 83 7.97 -16.31 -0.92
CA GLY F 83 8.31 -15.10 -1.63
C GLY F 83 9.06 -15.31 -2.93
N LYS F 84 8.96 -16.51 -3.50
CA LYS F 84 9.63 -16.80 -4.76
C LYS F 84 8.64 -16.75 -5.92
N SER F 85 9.10 -16.27 -7.08
CA SER F 85 8.28 -16.19 -8.28
C SER F 85 8.09 -17.60 -8.84
N SER F 86 7.52 -17.67 -10.04
CA SER F 86 7.24 -18.93 -10.71
C SER F 86 8.35 -19.35 -11.67
N TRP F 87 8.59 -20.65 -11.73
CA TRP F 87 9.58 -21.17 -12.64
C TRP F 87 8.93 -21.02 -14.00
N TRP F 88 9.74 -20.97 -15.04
CA TRP F 88 9.26 -20.84 -16.42
C TRP F 88 10.12 -21.81 -17.20
N MET F 89 9.49 -22.83 -17.78
CA MET F 89 10.24 -23.82 -18.53
C MET F 89 9.70 -24.03 -19.91
N LEU F 90 10.53 -24.63 -20.75
CA LEU F 90 10.09 -24.91 -22.10
C LEU F 90 9.13 -26.05 -21.95
N ASN F 91 8.05 -25.96 -22.71
CA ASN F 91 7.00 -26.97 -22.72
C ASN F 91 7.49 -28.11 -23.60
N PRO F 92 7.48 -29.36 -23.11
CA PRO F 92 7.94 -30.47 -23.97
C PRO F 92 6.92 -30.90 -25.04
#